data_9GJR
#
_entry.id   9GJR
#
_cell.length_a   44.794
_cell.length_b   49.646
_cell.length_c   85.634
_cell.angle_alpha   90.00
_cell.angle_beta   90.00
_cell.angle_gamma   90.00
#
_symmetry.space_group_name_H-M   'P 21 21 21'
#
loop_
_entity.id
_entity.type
_entity.pdbx_description
1 polymer 'Bromo domain-containing protein'
2 non-polymer 5-[2-[5-(3,5-dimethyl-1,2-oxazol-4-yl)-1-[2-(4-ethanoylpiperazin-1-ium-1-yl)ethyl]benzimidazol-2-yl]ethyl]-2-methyl-benzenecarbonitrile
3 non-polymer (R,R)-2,3-BUTANEDIOL
4 non-polymer 'POTASSIUM ION'
5 water water
#
_entity_poly.entity_id   1
_entity_poly.type   'polypeptide(L)'
_entity_poly.pdbx_seq_one_letter_code
;GPYNEADVAALVRSLDRAEDHHIFAVDVLETYPYLAESYTKVCPRRCDLATAAQKALEGAYSYDLRLEGLKADIALMASN
CIAYNGPTSAYAETAAKFERHALEQIDAFVLEHN
;
_entity_poly.pdbx_strand_id   A,C
#
# COMPACT_ATOMS: atom_id res chain seq x y z
N GLY A 1 22.65 -4.42 -2.57
CA GLY A 1 21.42 -4.37 -3.33
C GLY A 1 20.16 -4.44 -2.47
N PRO A 2 19.17 -5.22 -2.92
CA PRO A 2 17.91 -5.30 -2.19
C PRO A 2 17.98 -6.23 -0.98
N TYR A 3 17.10 -5.97 -0.02
CA TYR A 3 16.92 -6.87 1.09
C TYR A 3 16.29 -8.18 0.62
N ASN A 4 16.63 -9.26 1.31
CA ASN A 4 15.98 -10.55 1.09
C ASN A 4 14.52 -10.44 1.53
N GLU A 5 13.60 -10.76 0.61
CA GLU A 5 12.17 -10.55 0.85
C GLU A 5 11.68 -11.40 2.02
N ALA A 6 12.17 -12.64 2.13
CA ALA A 6 11.71 -13.53 3.20
C ALA A 6 12.20 -13.06 4.56
N ASP A 7 13.40 -12.49 4.60
CA ASP A 7 13.91 -11.98 5.87
C ASP A 7 13.11 -10.77 6.34
N VAL A 8 12.77 -9.84 5.43
CA VAL A 8 11.91 -8.72 5.81
C VAL A 8 10.53 -9.22 6.26
N ALA A 9 9.97 -10.21 5.55
CA ALA A 9 8.68 -10.74 5.95
C ALA A 9 8.75 -11.37 7.34
N ALA A 10 9.83 -12.10 7.63
CA ALA A 10 9.98 -12.66 8.97
C ALA A 10 10.07 -11.58 10.04
N LEU A 11 10.76 -10.49 9.74
CA LEU A 11 10.79 -9.34 10.64
C LEU A 11 9.39 -8.84 10.91
N VAL A 12 8.59 -8.66 9.85
CA VAL A 12 7.23 -8.16 10.03
C VAL A 12 6.41 -9.10 10.92
N ARG A 13 6.49 -10.40 10.64
N ARG A 13 6.49 -10.41 10.66
CA ARG A 13 5.74 -11.38 11.43
CA ARG A 13 5.69 -11.34 11.46
C ARG A 13 6.11 -11.30 12.90
C ARG A 13 6.10 -11.32 12.92
N SER A 14 7.39 -11.09 13.20
CA SER A 14 7.85 -11.01 14.58
C SER A 14 7.29 -9.80 15.32
N LEU A 15 6.77 -8.81 14.59
CA LEU A 15 6.14 -7.65 15.22
C LEU A 15 4.72 -7.91 15.69
N ASP A 16 4.13 -9.05 15.34
CA ASP A 16 2.78 -9.44 15.77
C ASP A 16 2.93 -10.21 17.09
N ARG A 17 2.61 -9.56 18.20
CA ARG A 17 2.97 -10.04 19.52
C ARG A 17 1.74 -10.26 20.41
N ALA A 18 1.84 -11.29 21.26
CA ALA A 18 0.85 -11.47 22.31
C ALA A 18 0.87 -10.31 23.30
N GLU A 19 2.03 -9.67 23.48
CA GLU A 19 2.11 -8.50 24.34
C GLU A 19 1.20 -7.36 23.86
N ASP A 20 0.94 -7.30 22.56
CA ASP A 20 0.02 -6.32 22.00
C ASP A 20 -1.38 -6.90 21.76
N HIS A 21 -1.63 -8.10 22.27
CA HIS A 21 -2.95 -8.75 22.20
C HIS A 21 -3.40 -8.96 20.76
N HIS A 22 -2.42 -9.06 19.85
CA HIS A 22 -2.65 -9.33 18.44
C HIS A 22 -3.55 -8.30 17.76
N ILE A 23 -3.61 -7.07 18.28
CA ILE A 23 -4.55 -6.10 17.68
C ILE A 23 -4.11 -5.61 16.31
N PHE A 24 -2.85 -5.79 15.93
CA PHE A 24 -2.35 -5.38 14.62
C PHE A 24 -2.14 -6.54 13.65
N ALA A 25 -2.61 -7.73 14.01
CA ALA A 25 -2.31 -8.93 13.22
C ALA A 25 -2.93 -8.86 11.83
N VAL A 26 -4.21 -8.48 11.74
CA VAL A 26 -4.94 -8.51 10.47
C VAL A 26 -5.82 -7.27 10.33
N ASP A 27 -6.28 -7.04 9.10
CA ASP A 27 -7.10 -5.89 8.75
C ASP A 27 -8.27 -5.75 9.74
N VAL A 28 -8.44 -4.54 10.30
CA VAL A 28 -9.51 -4.31 11.26
C VAL A 28 -10.87 -4.70 10.68
N LEU A 29 -11.08 -4.41 9.39
CA LEU A 29 -12.36 -4.67 8.74
C LEU A 29 -12.50 -6.10 8.27
N GLU A 30 -11.43 -6.89 8.32
CA GLU A 30 -11.55 -8.34 8.13
C GLU A 30 -12.17 -8.99 9.36
N THR A 31 -11.72 -8.58 10.56
N THR A 31 -11.73 -8.56 10.55
CA THR A 31 -12.31 -9.17 11.77
CA THR A 31 -12.24 -9.11 11.79
C THR A 31 -13.64 -8.51 12.12
C THR A 31 -13.59 -8.49 12.17
N TYR A 32 -13.77 -7.20 11.89
CA TYR A 32 -14.94 -6.45 12.31
C TYR A 32 -15.49 -5.65 11.12
N PRO A 33 -16.05 -6.34 10.12
N PRO A 33 -16.05 -6.34 10.12
CA PRO A 33 -16.55 -5.62 8.93
CA PRO A 33 -16.55 -5.62 8.93
C PRO A 33 -17.64 -4.61 9.25
C PRO A 33 -17.64 -4.62 9.25
N TYR A 34 -18.37 -4.79 10.34
CA TYR A 34 -19.44 -3.88 10.71
C TYR A 34 -18.94 -2.50 11.12
N LEU A 35 -17.65 -2.33 11.32
CA LEU A 35 -17.10 -1.01 11.61
C LEU A 35 -16.82 -0.18 10.36
N ALA A 36 -17.07 -0.72 9.16
CA ALA A 36 -16.50 -0.14 7.95
C ALA A 36 -16.95 1.30 7.73
N GLU A 37 -18.23 1.59 7.95
CA GLU A 37 -18.73 2.93 7.63
C GLU A 37 -18.02 4.00 8.46
N SER A 38 -17.89 3.78 9.77
CA SER A 38 -17.21 4.74 10.61
C SER A 38 -15.69 4.66 10.46
N TYR A 39 -15.16 3.44 10.31
CA TYR A 39 -13.72 3.28 10.29
C TYR A 39 -13.09 3.89 9.04
N THR A 40 -13.70 3.69 7.88
N THR A 40 -13.71 3.68 7.89
CA THR A 40 -13.06 4.19 6.66
CA THR A 40 -13.17 4.17 6.63
C THR A 40 -13.06 5.70 6.56
C THR A 40 -13.00 5.69 6.65
N LYS A 41 -13.93 6.39 7.30
CA LYS A 41 -13.86 7.85 7.32
C LYS A 41 -12.73 8.34 8.22
N VAL A 42 -12.63 7.78 9.43
CA VAL A 42 -11.56 8.14 10.36
C VAL A 42 -10.20 7.71 9.84
N CYS A 43 -10.15 6.55 9.18
CA CYS A 43 -8.90 5.88 8.79
C CYS A 43 -9.01 5.48 7.33
N PRO A 44 -8.93 6.44 6.41
CA PRO A 44 -9.11 6.12 4.98
C PRO A 44 -7.97 5.32 4.37
N ARG A 45 -6.82 5.25 5.02
CA ARG A 45 -5.72 4.40 4.60
C ARG A 45 -5.43 3.44 5.75
N ARG A 46 -5.61 2.15 5.52
CA ARG A 46 -5.45 1.11 6.54
C ARG A 46 -4.22 0.28 6.26
N CYS A 47 -3.71 -0.36 7.32
CA CYS A 47 -2.69 -1.39 7.16
C CYS A 47 -2.75 -2.31 8.37
N ASP A 48 -2.04 -3.43 8.26
CA ASP A 48 -1.99 -4.45 9.31
C ASP A 48 -0.79 -5.33 9.02
N LEU A 49 -0.40 -6.14 10.00
CA LEU A 49 0.85 -6.89 9.86
C LEU A 49 0.78 -7.99 8.81
N ALA A 50 -0.39 -8.64 8.64
CA ALA A 50 -0.48 -9.66 7.60
C ALA A 50 -0.31 -9.03 6.22
N THR A 51 -0.94 -7.87 6.01
CA THR A 51 -0.76 -7.14 4.76
C THR A 51 0.69 -6.74 4.56
N ALA A 52 1.33 -6.21 5.61
CA ALA A 52 2.72 -5.79 5.49
C ALA A 52 3.66 -6.96 5.19
N ALA A 53 3.38 -8.13 5.79
CA ALA A 53 4.21 -9.30 5.51
C ALA A 53 4.08 -9.71 4.03
N GLN A 54 2.88 -9.61 3.48
N GLN A 54 2.89 -9.58 3.46
CA GLN A 54 2.69 -9.90 2.07
CA GLN A 54 2.73 -9.92 2.05
C GLN A 54 3.39 -8.88 1.18
C GLN A 54 3.34 -8.87 1.15
N LYS A 55 3.33 -7.60 1.56
CA LYS A 55 4.08 -6.58 0.84
C LYS A 55 5.57 -6.92 0.83
N ALA A 56 6.09 -7.37 1.98
CA ALA A 56 7.49 -7.74 2.07
C ALA A 56 7.83 -8.87 1.12
N LEU A 57 6.99 -9.91 1.09
CA LEU A 57 7.24 -11.07 0.24
C LEU A 57 7.19 -10.72 -1.24
N GLU A 58 6.48 -9.67 -1.61
CA GLU A 58 6.41 -9.26 -3.00
C GLU A 58 7.43 -8.20 -3.37
N GLY A 59 8.31 -7.81 -2.45
CA GLY A 59 9.38 -6.88 -2.74
C GLY A 59 9.07 -5.42 -2.50
N ALA A 60 7.95 -5.10 -1.84
CA ALA A 60 7.56 -3.71 -1.67
C ALA A 60 8.60 -2.91 -0.90
N TYR A 61 9.32 -3.57 0.02
CA TYR A 61 10.28 -2.88 0.88
C TYR A 61 11.72 -3.12 0.49
N SER A 62 11.98 -3.85 -0.60
CA SER A 62 13.30 -4.44 -0.82
C SER A 62 14.37 -3.40 -1.11
N TYR A 63 14.00 -2.27 -1.72
CA TYR A 63 14.98 -1.27 -2.13
C TYR A 63 15.01 -0.06 -1.21
N ASP A 64 14.46 -0.21 -0.01
CA ASP A 64 14.36 0.85 0.99
C ASP A 64 15.39 0.48 2.06
N LEU A 65 16.61 0.98 1.89
CA LEU A 65 17.72 0.56 2.75
C LEU A 65 17.45 0.87 4.22
N ARG A 66 16.71 1.94 4.50
CA ARG A 66 16.40 2.29 5.87
C ARG A 66 15.08 1.70 6.34
N LEU A 67 14.41 0.92 5.49
CA LEU A 67 13.09 0.39 5.80
C LEU A 67 12.12 1.50 6.20
N GLU A 68 12.28 2.68 5.60
N GLU A 68 12.28 2.68 5.59
CA GLU A 68 11.39 3.79 5.95
CA GLU A 68 11.42 3.82 5.89
C GLU A 68 9.96 3.53 5.54
C GLU A 68 9.96 3.52 5.54
N GLY A 69 9.75 2.81 4.43
CA GLY A 69 8.39 2.48 4.02
C GLY A 69 7.70 1.54 5.00
N LEU A 70 8.44 0.58 5.54
CA LEU A 70 7.88 -0.29 6.58
C LEU A 70 7.60 0.50 7.85
N LYS A 71 8.52 1.37 8.25
CA LYS A 71 8.27 2.20 9.42
C LYS A 71 7.01 3.04 9.23
N ALA A 72 6.79 3.53 8.01
CA ALA A 72 5.60 4.33 7.75
C ALA A 72 4.32 3.49 7.86
N ASP A 73 4.36 2.23 7.40
CA ASP A 73 3.20 1.35 7.56
C ASP A 73 2.92 1.06 9.03
N ILE A 74 3.97 0.83 9.83
CA ILE A 74 3.80 0.66 11.27
C ILE A 74 3.18 1.91 11.89
N ALA A 75 3.66 3.09 11.50
CA ALA A 75 3.14 4.33 12.06
C ALA A 75 1.68 4.52 11.71
N LEU A 76 1.27 4.10 10.51
CA LEU A 76 -0.12 4.17 10.09
C LEU A 76 -0.99 3.24 10.93
N MET A 77 -0.55 2.00 11.14
CA MET A 77 -1.28 1.09 12.02
C MET A 77 -1.51 1.71 13.39
N ALA A 78 -0.47 2.27 13.99
CA ALA A 78 -0.59 2.80 15.35
C ALA A 78 -1.45 4.05 15.36
N SER A 79 -1.22 4.96 14.41
N SER A 79 -1.23 4.96 14.41
N SER A 79 -1.23 4.95 14.41
CA SER A 79 -1.97 6.21 14.37
CA SER A 79 -1.99 6.21 14.42
CA SER A 79 -1.98 6.21 14.38
C SER A 79 -3.46 5.95 14.14
C SER A 79 -3.47 5.97 14.13
C SER A 79 -3.46 5.97 14.13
N ASN A 80 -3.79 4.99 13.27
CA ASN A 80 -5.19 4.68 13.01
C ASN A 80 -5.88 4.17 14.28
N CYS A 81 -5.18 3.31 15.02
CA CYS A 81 -5.74 2.76 16.26
C CYS A 81 -6.02 3.87 17.26
N ILE A 82 -5.08 4.80 17.43
CA ILE A 82 -5.27 5.91 18.35
C ILE A 82 -6.41 6.81 17.88
N ALA A 83 -6.49 7.07 16.58
CA ALA A 83 -7.54 7.93 16.03
C ALA A 83 -8.93 7.30 16.20
N TYR A 84 -9.05 6.01 15.91
CA TYR A 84 -10.37 5.38 15.90
C TYR A 84 -10.86 5.08 17.31
N ASN A 85 -9.99 4.56 18.17
CA ASN A 85 -10.41 4.19 19.51
C ASN A 85 -10.27 5.32 20.53
N GLY A 86 -9.52 6.37 20.21
CA GLY A 86 -9.47 7.54 21.04
C GLY A 86 -8.26 7.56 21.95
N PRO A 87 -7.83 8.75 22.32
CA PRO A 87 -6.55 8.89 23.04
C PRO A 87 -6.59 8.41 24.48
N THR A 88 -7.76 8.22 25.08
CA THR A 88 -7.84 7.75 26.45
C THR A 88 -8.05 6.26 26.57
N SER A 89 -8.10 5.54 25.45
CA SER A 89 -8.43 4.12 25.45
C SER A 89 -7.18 3.26 25.72
N ALA A 90 -7.43 2.03 26.18
CA ALA A 90 -6.34 1.07 26.34
C ALA A 90 -5.73 0.67 25.00
N TYR A 91 -6.54 0.66 23.94
CA TYR A 91 -6.03 0.40 22.60
C TYR A 91 -4.94 1.39 22.22
N ALA A 92 -5.12 2.66 22.58
CA ALA A 92 -4.14 3.68 22.25
C ALA A 92 -2.82 3.43 22.99
N GLU A 93 -2.91 2.98 24.25
CA GLU A 93 -1.71 2.64 25.00
C GLU A 93 -0.97 1.49 24.33
N THR A 94 -1.69 0.45 23.92
CA THR A 94 -1.06 -0.66 23.21
C THR A 94 -0.42 -0.20 21.91
N ALA A 95 -1.10 0.68 21.17
CA ALA A 95 -0.56 1.17 19.91
C ALA A 95 0.79 1.85 20.12
N ALA A 96 0.91 2.68 21.16
CA ALA A 96 2.18 3.37 21.38
C ALA A 96 3.29 2.38 21.75
N LYS A 97 2.98 1.40 22.60
CA LYS A 97 4.00 0.42 22.95
C LYS A 97 4.38 -0.45 21.76
N PHE A 98 3.39 -0.82 20.94
CA PHE A 98 3.64 -1.57 19.72
C PHE A 98 4.59 -0.83 18.78
N GLU A 99 4.31 0.45 18.52
CA GLU A 99 5.16 1.20 17.58
C GLU A 99 6.59 1.33 18.10
N ARG A 100 6.75 1.63 19.39
CA ARG A 100 8.08 1.73 19.97
C ARG A 100 8.87 0.43 19.81
N HIS A 101 8.24 -0.70 20.14
CA HIS A 101 8.94 -1.98 19.99
C HIS A 101 9.26 -2.26 18.52
N ALA A 102 8.29 -1.99 17.62
CA ALA A 102 8.51 -2.23 16.21
C ALA A 102 9.69 -1.41 15.68
N LEU A 103 9.77 -0.13 16.08
CA LEU A 103 10.90 0.69 15.64
C LEU A 103 12.23 0.13 16.14
N GLU A 104 12.26 -0.32 17.38
N GLU A 104 12.27 -0.34 17.38
CA GLU A 104 13.47 -0.96 17.92
CA GLU A 104 13.49 -0.95 17.90
C GLU A 104 13.88 -2.16 17.07
C GLU A 104 13.89 -2.17 17.09
N GLN A 105 12.92 -3.03 16.74
CA GLN A 105 13.23 -4.24 16.00
C GLN A 105 13.61 -3.94 14.55
N ILE A 106 12.91 -3.00 13.92
CA ILE A 106 13.26 -2.61 12.55
C ILE A 106 14.66 -2.01 12.51
N ASP A 107 14.98 -1.14 13.46
CA ASP A 107 16.30 -0.53 13.51
C ASP A 107 17.39 -1.58 13.68
N ALA A 108 17.15 -2.57 14.55
CA ALA A 108 18.10 -3.65 14.74
C ALA A 108 18.31 -4.43 13.44
N PHE A 109 17.22 -4.70 12.71
CA PHE A 109 17.34 -5.40 11.43
C PHE A 109 18.21 -4.61 10.46
N VAL A 110 17.94 -3.30 10.32
CA VAL A 110 18.73 -2.48 9.42
C VAL A 110 20.21 -2.52 9.80
N LEU A 111 20.52 -2.44 11.10
CA LEU A 111 21.90 -2.45 11.54
C LEU A 111 22.57 -3.81 11.30
N GLU A 112 21.81 -4.89 11.37
CA GLU A 112 22.38 -6.21 11.13
C GLU A 112 22.60 -6.49 9.64
N HIS A 113 21.97 -5.73 8.75
CA HIS A 113 22.05 -5.98 7.32
C HIS A 113 22.67 -4.85 6.51
N ASN A 114 22.81 -3.65 7.08
CA ASN A 114 23.34 -2.52 6.31
C ASN A 114 24.86 -2.60 6.14
N GLY B 1 -23.55 -2.73 0.06
CA GLY B 1 -22.41 -2.56 0.92
C GLY B 1 -21.09 -2.48 0.18
N PRO B 2 -20.13 -3.31 0.57
CA PRO B 2 -18.81 -3.27 -0.06
C PRO B 2 -18.85 -3.75 -1.50
N TYR B 3 -17.82 -3.38 -2.24
CA TYR B 3 -17.58 -3.97 -3.55
C TYR B 3 -16.90 -5.32 -3.37
N ASN B 4 -17.23 -6.29 -4.22
CA ASN B 4 -16.60 -7.59 -4.06
C ASN B 4 -15.20 -7.62 -4.66
N GLU B 5 -14.30 -8.33 -3.99
CA GLU B 5 -12.88 -8.27 -4.30
C GLU B 5 -12.61 -8.70 -5.73
N ALA B 6 -13.30 -9.75 -6.20
CA ALA B 6 -13.07 -10.26 -7.54
C ALA B 6 -13.43 -9.24 -8.61
N ASP B 7 -14.56 -8.54 -8.44
CA ASP B 7 -14.92 -7.50 -9.41
C ASP B 7 -13.89 -6.38 -9.44
N VAL B 8 -13.46 -5.91 -8.28
CA VAL B 8 -12.50 -4.81 -8.26
C VAL B 8 -11.18 -5.23 -8.88
N ALA B 9 -10.72 -6.46 -8.57
CA ALA B 9 -9.48 -6.96 -9.16
C ALA B 9 -9.58 -7.04 -10.67
N ALA B 10 -10.72 -7.50 -11.20
CA ALA B 10 -10.91 -7.56 -12.64
C ALA B 10 -10.89 -6.17 -13.26
N LEU B 11 -11.51 -5.20 -12.60
CA LEU B 11 -11.42 -3.82 -13.03
C LEU B 11 -9.97 -3.37 -13.13
N VAL B 12 -9.18 -3.62 -12.08
CA VAL B 12 -7.80 -3.16 -12.07
C VAL B 12 -7.02 -3.76 -13.23
N ARG B 13 -7.13 -5.07 -13.43
CA ARG B 13 -6.39 -5.71 -14.51
C ARG B 13 -6.78 -5.14 -15.87
N SER B 14 -8.05 -4.75 -16.03
CA SER B 14 -8.50 -4.21 -17.30
C SER B 14 -7.92 -2.82 -17.58
N LEU B 15 -7.29 -2.20 -16.58
CA LEU B 15 -6.68 -0.89 -16.76
C LEU B 15 -5.27 -0.98 -17.35
N ASP B 16 -4.74 -2.19 -17.53
CA ASP B 16 -3.41 -2.42 -18.08
C ASP B 16 -3.56 -2.57 -19.59
N ARG B 17 -3.26 -1.51 -20.34
CA ARG B 17 -3.66 -1.41 -21.74
C ARG B 17 -2.48 -1.41 -22.71
N ALA B 18 -2.72 -1.99 -23.89
CA ALA B 18 -1.78 -1.88 -24.99
C ALA B 18 -1.61 -0.44 -25.44
N GLU B 19 -2.67 0.36 -25.35
CA GLU B 19 -2.59 1.79 -25.67
C GLU B 19 -1.54 2.50 -24.83
N ASP B 20 -1.29 2.03 -23.61
CA ASP B 20 -0.30 2.61 -22.72
C ASP B 20 1.02 1.86 -22.76
N HIS B 21 1.18 0.92 -23.70
CA HIS B 21 2.41 0.14 -23.86
C HIS B 21 2.77 -0.63 -22.59
N HIS B 22 1.75 -0.91 -21.80
CA HIS B 22 1.87 -1.74 -20.59
C HIS B 22 2.89 -1.18 -19.60
N ILE B 23 3.12 0.13 -19.61
CA ILE B 23 4.16 0.66 -18.73
C ILE B 23 3.75 0.64 -17.26
N PHE B 24 2.47 0.45 -16.95
CA PHE B 24 2.00 0.37 -15.57
C PHE B 24 1.70 -1.04 -15.11
N ALA B 25 2.07 -2.04 -15.92
CA ALA B 25 1.65 -3.42 -15.64
C ALA B 25 2.29 -3.97 -14.37
N VAL B 26 3.58 -3.76 -14.17
N VAL B 26 3.57 -3.67 -14.14
CA VAL B 26 4.27 -4.31 -13.00
CA VAL B 26 4.42 -4.33 -13.15
C VAL B 26 5.25 -3.28 -12.45
C VAL B 26 5.29 -3.27 -12.47
N ASP B 27 5.71 -3.55 -11.22
CA ASP B 27 6.64 -2.70 -10.50
C ASP B 27 7.82 -2.31 -11.38
N VAL B 28 8.09 -1.00 -11.48
N VAL B 28 8.06 -0.99 -11.49
CA VAL B 28 9.18 -0.54 -12.34
CA VAL B 28 9.18 -0.47 -12.29
C VAL B 28 10.51 -1.14 -11.91
C VAL B 28 10.48 -1.18 -11.91
N LEU B 29 10.70 -1.38 -10.61
CA LEU B 29 11.95 -1.96 -10.14
C LEU B 29 11.99 -3.48 -10.28
N GLU B 30 10.87 -4.12 -10.58
CA GLU B 30 10.92 -5.52 -11.01
C GLU B 30 11.47 -5.63 -12.41
N THR B 31 10.99 -4.76 -13.32
CA THR B 31 11.44 -4.80 -14.70
C THR B 31 12.85 -4.26 -14.86
N TYR B 32 13.18 -3.19 -14.12
CA TYR B 32 14.42 -2.45 -14.29
C TYR B 32 15.06 -2.25 -12.91
N PRO B 33 15.57 -3.32 -12.29
N PRO B 33 15.58 -3.31 -12.30
CA PRO B 33 16.09 -3.19 -10.93
CA PRO B 33 16.08 -3.18 -10.92
C PRO B 33 17.22 -2.19 -10.80
C PRO B 33 17.28 -2.25 -10.78
N TYR B 34 18.00 -1.99 -11.86
CA TYR B 34 19.13 -1.06 -11.82
C TYR B 34 18.71 0.40 -11.66
N LEU B 35 17.43 0.72 -11.81
CA LEU B 35 16.97 2.08 -11.54
C LEU B 35 16.76 2.37 -10.07
N ALA B 36 16.93 1.38 -9.18
CA ALA B 36 16.48 1.52 -7.80
C ALA B 36 17.09 2.74 -7.11
N GLU B 37 18.41 2.92 -7.22
CA GLU B 37 19.04 3.96 -6.44
C GLU B 37 18.55 5.36 -6.81
N SER B 38 18.30 5.61 -8.10
CA SER B 38 17.78 6.91 -8.49
C SER B 38 16.26 6.98 -8.35
N TYR B 39 15.57 5.89 -8.66
CA TYR B 39 14.10 5.90 -8.64
C TYR B 39 13.59 6.08 -7.22
N THR B 40 14.19 5.43 -6.23
N THR B 40 14.20 5.40 -6.25
CA THR B 40 13.68 5.52 -4.87
CA THR B 40 13.73 5.49 -4.87
C THR B 40 13.93 6.89 -4.24
C THR B 40 13.86 6.92 -4.33
N LYS B 41 14.87 7.67 -4.77
CA LYS B 41 15.03 9.04 -4.31
C LYS B 41 13.85 9.90 -4.76
N VAL B 42 13.42 9.73 -6.00
CA VAL B 42 12.35 10.55 -6.58
C VAL B 42 10.98 10.03 -6.17
N CYS B 43 10.84 8.70 -6.07
CA CYS B 43 9.55 8.04 -5.89
C CYS B 43 9.65 7.08 -4.71
N PRO B 44 9.56 7.59 -3.49
CA PRO B 44 9.68 6.72 -2.31
C PRO B 44 8.47 5.83 -2.07
N ARG B 45 7.33 6.11 -2.69
CA ARG B 45 6.15 5.25 -2.63
C ARG B 45 5.81 4.85 -4.04
N ARG B 46 5.83 3.54 -4.33
CA ARG B 46 5.61 3.01 -5.67
C ARG B 46 4.30 2.24 -5.71
N CYS B 47 3.76 2.10 -6.93
CA CYS B 47 2.64 1.20 -7.15
C CYS B 47 2.63 0.82 -8.62
N ASP B 48 1.82 -0.19 -8.95
CA ASP B 48 1.67 -0.73 -10.30
C ASP B 48 0.39 -1.53 -10.32
N LEU B 49 -0.06 -1.90 -11.53
CA LEU B 49 -1.37 -2.54 -11.66
C LEU B 49 -1.40 -3.95 -11.11
N ALA B 50 -0.30 -4.70 -11.21
CA ALA B 50 -0.28 -6.04 -10.62
C ALA B 50 -0.40 -5.95 -9.11
N THR B 51 0.33 -5.02 -8.49
CA THR B 51 0.20 -4.82 -7.05
C THR B 51 -1.21 -4.38 -6.67
N ALA B 52 -1.76 -3.42 -7.42
CA ALA B 52 -3.11 -2.93 -7.13
C ALA B 52 -4.16 -4.04 -7.26
N ALA B 53 -3.99 -4.92 -8.25
CA ALA B 53 -4.94 -6.03 -8.38
C ALA B 53 -4.85 -6.98 -7.19
N GLN B 54 -3.63 -7.21 -6.68
CA GLN B 54 -3.49 -8.03 -5.49
C GLN B 54 -4.10 -7.35 -4.27
N LYS B 55 -3.89 -6.03 -4.13
CA LYS B 55 -4.58 -5.29 -3.07
C LYS B 55 -6.08 -5.46 -3.16
N ALA B 56 -6.62 -5.38 -4.38
CA ALA B 56 -8.06 -5.54 -4.57
C ALA B 56 -8.53 -6.90 -4.07
N LEU B 57 -7.79 -7.97 -4.42
CA LEU B 57 -8.15 -9.30 -3.98
C LEU B 57 -8.10 -9.45 -2.47
N GLU B 58 -7.23 -8.70 -1.80
CA GLU B 58 -7.12 -8.75 -0.35
C GLU B 58 -8.17 -7.89 0.34
N GLY B 59 -9.02 -7.19 -0.40
CA GLY B 59 -10.05 -6.37 0.18
C GLY B 59 -9.65 -4.95 0.50
N ALA B 60 -8.50 -4.49 -0.02
CA ALA B 60 -8.00 -3.17 0.35
C ALA B 60 -8.94 -2.06 -0.07
N TYR B 61 -9.67 -2.23 -1.17
CA TYR B 61 -10.51 -1.17 -1.72
C TYR B 61 -11.99 -1.38 -1.47
N SER B 62 -12.39 -2.49 -0.85
CA SER B 62 -13.78 -2.92 -0.91
C SER B 62 -14.71 -2.01 -0.12
N TYR B 63 -14.20 -1.33 0.90
CA TYR B 63 -15.05 -0.51 1.74
C TYR B 63 -14.95 0.98 1.42
N ASP B 64 -14.38 1.33 0.27
CA ASP B 64 -14.34 2.72 -0.22
C ASP B 64 -15.47 2.88 -1.24
N LEU B 65 -16.51 3.63 -0.86
CA LEU B 65 -17.74 3.67 -1.65
C LEU B 65 -17.51 4.20 -3.07
N ARG B 66 -16.61 5.16 -3.25
CA ARG B 66 -16.31 5.65 -4.58
C ARG B 66 -14.95 5.16 -5.08
N LEU B 67 -14.43 4.09 -4.47
CA LEU B 67 -13.13 3.51 -4.83
C LEU B 67 -12.01 4.55 -4.79
N GLU B 68 -12.09 5.48 -3.85
N GLU B 68 -12.08 5.49 -3.86
CA GLU B 68 -11.13 6.58 -3.81
CA GLU B 68 -11.11 6.59 -3.84
C GLU B 68 -9.71 6.09 -3.54
C GLU B 68 -9.70 6.11 -3.51
N GLY B 69 -9.56 5.05 -2.72
CA GLY B 69 -8.24 4.50 -2.47
C GLY B 69 -7.60 3.94 -3.72
N LEU B 70 -8.41 3.35 -4.60
CA LEU B 70 -7.88 2.87 -5.87
C LEU B 70 -7.51 4.04 -6.78
N LYS B 71 -8.35 5.08 -6.81
CA LYS B 71 -8.00 6.27 -7.59
C LYS B 71 -6.68 6.85 -7.11
N ALA B 72 -6.44 6.84 -5.80
CA ALA B 72 -5.18 7.36 -5.27
C ALA B 72 -3.99 6.54 -5.77
N ASP B 73 -4.13 5.21 -5.82
CA ASP B 73 -3.03 4.37 -6.30
C ASP B 73 -2.77 4.59 -7.80
N ILE B 74 -3.84 4.73 -8.59
CA ILE B 74 -3.69 5.05 -10.01
C ILE B 74 -2.96 6.39 -10.18
N ALA B 75 -3.39 7.40 -9.41
CA ALA B 75 -2.75 8.71 -9.50
C ALA B 75 -1.29 8.65 -9.10
N LEU B 76 -0.95 7.79 -8.13
CA LEU B 76 0.44 7.63 -7.73
C LEU B 76 1.28 7.01 -8.83
N MET B 77 0.75 5.99 -9.52
CA MET B 77 1.45 5.42 -10.66
C MET B 77 1.77 6.49 -11.68
N ALA B 78 0.78 7.33 -12.00
CA ALA B 78 0.98 8.35 -13.03
C ALA B 78 1.92 9.46 -12.55
N SER B 79 1.76 9.91 -11.31
N SER B 79 1.74 9.91 -11.31
CA SER B 79 2.60 11.01 -10.84
CA SER B 79 2.58 10.99 -10.80
C SER B 79 4.05 10.57 -10.71
C SER B 79 4.05 10.56 -10.72
N ASN B 80 4.30 9.31 -10.31
CA ASN B 80 5.67 8.82 -10.24
C ASN B 80 6.31 8.79 -11.61
N CYS B 81 5.56 8.36 -12.62
CA CYS B 81 6.08 8.31 -13.97
C CYS B 81 6.46 9.70 -14.46
N ILE B 82 5.60 10.70 -14.20
CA ILE B 82 5.88 12.07 -14.61
C ILE B 82 7.08 12.63 -13.84
N ALA B 83 7.16 12.33 -12.54
CA ALA B 83 8.26 12.82 -11.72
C ALA B 83 9.60 12.24 -12.15
N TYR B 84 9.63 10.95 -12.47
CA TYR B 84 10.89 10.29 -12.76
C TYR B 84 11.37 10.54 -14.18
N ASN B 85 10.44 10.56 -15.13
CA ASN B 85 10.81 10.69 -16.54
C ASN B 85 10.76 12.13 -17.05
N GLY B 86 10.09 13.04 -16.33
CA GLY B 86 10.01 14.41 -16.74
C GLY B 86 8.73 14.71 -17.50
N PRO B 87 8.20 15.92 -17.33
CA PRO B 87 6.86 16.21 -17.85
C PRO B 87 6.78 16.37 -19.35
N THR B 88 7.90 16.51 -20.06
CA THR B 88 7.89 16.62 -21.51
C THR B 88 8.23 15.30 -22.20
N SER B 89 8.36 14.22 -21.45
CA SER B 89 8.71 12.94 -22.04
C SER B 89 7.47 12.25 -22.61
N ALA B 90 7.70 11.28 -23.50
CA ALA B 90 6.59 10.48 -24.01
C ALA B 90 5.97 9.65 -22.89
N TYR B 91 6.78 9.20 -21.92
CA TYR B 91 6.25 8.49 -20.75
C TYR B 91 5.23 9.35 -20.00
N ALA B 92 5.53 10.65 -19.84
CA ALA B 92 4.60 11.54 -19.16
C ALA B 92 3.29 11.68 -19.92
N GLU B 93 3.36 11.71 -21.26
N GLU B 93 3.35 11.71 -21.26
CA GLU B 93 2.13 11.77 -22.06
CA GLU B 93 2.11 11.78 -22.03
C GLU B 93 1.29 10.52 -21.85
C GLU B 93 1.28 10.52 -21.83
N THR B 94 1.92 9.35 -21.84
CA THR B 94 1.20 8.12 -21.57
C THR B 94 0.59 8.14 -20.17
N ALA B 95 1.35 8.61 -19.18
CA ALA B 95 0.86 8.67 -17.81
C ALA B 95 -0.42 9.49 -17.72
N ALA B 96 -0.45 10.63 -18.41
CA ALA B 96 -1.64 11.50 -18.35
C ALA B 96 -2.85 10.83 -18.99
N LYS B 97 -2.68 10.19 -20.14
CA LYS B 97 -3.83 9.55 -20.79
C LYS B 97 -4.26 8.30 -20.04
N PHE B 98 -3.31 7.57 -19.47
CA PHE B 98 -3.64 6.42 -18.62
C PHE B 98 -4.50 6.85 -17.43
N GLU B 99 -4.09 7.91 -16.74
CA GLU B 99 -4.82 8.33 -15.54
C GLU B 99 -6.24 8.77 -15.87
N ARG B 100 -6.40 9.59 -16.93
N ARG B 100 -6.39 9.58 -16.93
CA ARG B 100 -7.73 10.05 -17.32
CA ARG B 100 -7.72 10.05 -17.33
C ARG B 100 -8.63 8.87 -17.67
C ARG B 100 -8.62 8.88 -17.68
N HIS B 101 -8.10 7.93 -18.46
CA HIS B 101 -8.89 6.76 -18.84
C HIS B 101 -9.23 5.91 -17.62
N ALA B 102 -8.24 5.65 -16.76
CA ALA B 102 -8.48 4.79 -15.60
C ALA B 102 -9.52 5.40 -14.67
N LEU B 103 -9.45 6.72 -14.45
CA LEU B 103 -10.43 7.37 -13.58
C LEU B 103 -11.84 7.30 -14.20
N GLU B 104 -11.93 7.42 -15.52
CA GLU B 104 -13.23 7.24 -16.19
C GLU B 104 -13.76 5.84 -15.99
N GLN B 105 -12.90 4.83 -16.11
CA GLN B 105 -13.36 3.45 -15.97
C GLN B 105 -13.76 3.16 -14.53
N ILE B 106 -13.08 3.76 -13.56
CA ILE B 106 -13.43 3.55 -12.16
C ILE B 106 -14.77 4.19 -11.84
N ASP B 107 -14.98 5.43 -12.31
CA ASP B 107 -16.28 6.07 -12.12
C ASP B 107 -17.40 5.27 -12.76
N ALA B 108 -17.15 4.69 -13.94
CA ALA B 108 -18.15 3.89 -14.61
C ALA B 108 -18.47 2.62 -13.81
N PHE B 109 -17.44 1.99 -13.24
CA PHE B 109 -17.64 0.83 -12.39
C PHE B 109 -18.50 1.17 -11.18
N VAL B 110 -18.22 2.30 -10.54
CA VAL B 110 -18.98 2.71 -9.36
C VAL B 110 -20.45 2.91 -9.71
N LEU B 111 -20.72 3.53 -10.87
CA LEU B 111 -22.09 3.73 -11.31
C LEU B 111 -22.77 2.39 -11.64
N GLU B 112 -22.04 1.47 -12.28
CA GLU B 112 -22.62 0.18 -12.66
C GLU B 112 -22.89 -0.72 -11.48
N HIS B 113 -22.24 -0.49 -10.33
CA HIS B 113 -22.38 -1.35 -9.17
C HIS B 113 -23.20 -0.72 -8.06
N ASN B 114 -23.99 0.30 -8.38
CA ASN B 114 -24.82 0.96 -7.39
C ASN B 114 -26.22 1.24 -7.94
#